data_7U0T
#
_entry.id   7U0T
#
_cell.length_a   156.100
_cell.length_b   33.300
_cell.length_c   64.350
_cell.angle_alpha   90.000
_cell.angle_beta   103.780
_cell.angle_gamma   90.000
#
_symmetry.space_group_name_H-M   'C 1 2 1'
#
loop_
_entity.id
_entity.type
_entity.pdbx_description
1 polymer 'Serine/threonine-protein phosphatase 2B catalytic subunit gamma isoform,Calcineurin subunit B type 1 fusion'
2 polymer 'Peptidylprolyl isomerase'
3 non-polymer 'CALCIUM ION'
4 non-polymer 1,2-ETHANEDIOL
5 non-polymer (3S,4R,5S,8R,9E,12S,14S,15R,16S,18R,19R,22R,26aS)-8-ethyl-5,19-dihydroxy-3-{(1E)-1-[(1R,3R,4R)-4-hydroxy-3-methoxycyclohexyl]prop-1-en-2-yl}-14,16-dimethoxy-4,10,12,18-tetramethyl-5,6,8,11,12,13,14,15,16,17,18,19,24,25,26,26a-hexadecahydro-3H-15,19-epoxypyrido[2,1-c][1,4]oxazacyclotricosine-1,7,20,21(4H,23H)-tetrone
6 water water
#
loop_
_entity_poly.entity_id
_entity_poly.type
_entity_poly.pdbx_seq_one_letter_code
_entity_poly.pdbx_strand_id
1 'polypeptide(L)'
;MSGSHHHHHHHHGGENLYFQGSSPHPYWLPNFMDVFTWSLPFVGEKVTEMLVNVLNICGGGSSGGSTSGGSSGGGGNEAS
YPLEMCSHFDADEIKRLGKRFKKLDLDNSGSLSVEEFMSLPELQQNPLVQRVIDIFDTDGNGEVDFKEFIEGVSQFSVKG
DKEQKLRFAFRIYDMDKDGYISNGELFQVLKMMVGNNLKDTQLQQIVDKTIINADKDGDGRISFEEFCAVVGGLDIHKKM
VVDV
;
A
2 'polypeptide(L)'
;MSGSHHHHHHHHGGENLYFQGSGLNDIFEAQKIEWHEGSSGSSGVQVETISPGDGRTFPKRGQTCVVHYTGMLEDGKKFD
SSRDRNKPFKFMLGKQEVIRGWEEGVAQMSVGQRAKLTISPDYAYGATGHPGIIPPHATLVFDVELLKLE
;
B
#
# COMPACT_ATOMS: atom_id res chain seq x y z
N HIS A 25 26.19 -0.72 -8.43
CA HIS A 25 25.92 -0.12 -7.13
C HIS A 25 24.57 -0.58 -6.58
N PRO A 26 24.58 -1.17 -5.38
CA PRO A 26 23.33 -1.66 -4.79
C PRO A 26 22.31 -0.54 -4.62
N TYR A 27 21.04 -0.93 -4.70
CA TYR A 27 19.93 0.01 -4.58
C TYR A 27 19.56 0.22 -3.12
N TRP A 28 19.34 1.48 -2.76
CA TRP A 28 18.87 1.85 -1.44
C TRP A 28 17.50 2.53 -1.55
N LEU A 29 16.64 2.29 -0.58
CA LEU A 29 15.40 3.02 -0.49
C LEU A 29 15.67 4.47 -0.13
N PRO A 30 14.70 5.37 -0.35
CA PRO A 30 14.90 6.76 0.05
C PRO A 30 15.28 6.88 1.52
N ASN A 31 16.33 7.66 1.79
CA ASN A 31 16.87 7.88 3.12
C ASN A 31 17.33 6.57 3.76
N PHE A 32 17.74 5.60 2.93
CA PHE A 32 18.26 4.32 3.39
C PHE A 32 17.25 3.60 4.29
N MET A 33 15.99 3.63 3.87
CA MET A 33 14.89 3.12 4.68
C MET A 33 14.83 1.60 4.62
N ASP A 34 14.37 1.01 5.72
CA ASP A 34 14.07 -0.41 5.72
C ASP A 34 12.71 -0.66 5.06
N VAL A 35 12.52 -1.89 4.61
CA VAL A 35 11.33 -2.20 3.82
C VAL A 35 10.05 -2.17 4.64
N PHE A 36 10.15 -2.32 5.97
CA PHE A 36 8.95 -2.24 6.79
C PHE A 36 8.46 -0.81 6.94
N THR A 37 9.35 0.09 7.40
CA THR A 37 9.00 1.51 7.47
C THR A 37 8.57 2.05 6.12
N TRP A 38 9.10 1.47 5.04
CA TRP A 38 8.83 1.93 3.68
C TRP A 38 7.46 1.50 3.19
N SER A 39 7.05 0.27 3.48
CA SER A 39 5.81 -0.27 2.94
C SER A 39 4.63 -0.19 3.91
N LEU A 40 4.87 0.01 5.20
CA LEU A 40 3.78 0.00 6.17
C LEU A 40 2.71 1.06 5.92
N PRO A 41 3.03 2.31 5.57
CA PRO A 41 1.95 3.27 5.26
C PRO A 41 1.02 2.79 4.16
N PHE A 42 1.59 2.20 3.11
CA PHE A 42 0.76 1.64 2.03
C PHE A 42 -0.04 0.44 2.53
N VAL A 43 0.55 -0.37 3.40
CA VAL A 43 -0.16 -1.52 3.96
C VAL A 43 -1.36 -1.06 4.76
N GLY A 44 -1.15 -0.12 5.68
CA GLY A 44 -2.25 0.37 6.50
C GLY A 44 -3.32 1.06 5.69
N GLU A 45 -2.92 1.75 4.62
CA GLU A 45 -3.88 2.44 3.77
C GLU A 45 -4.75 1.46 3.00
N LYS A 46 -4.12 0.48 2.36
CA LYS A 46 -4.86 -0.43 1.47
C LYS A 46 -5.68 -1.46 2.24
N VAL A 47 -5.24 -1.83 3.45
CA VAL A 47 -6.07 -2.71 4.26
C VAL A 47 -7.30 -1.98 4.77
N THR A 48 -7.12 -0.72 5.22
CA THR A 48 -8.25 0.09 5.64
C THR A 48 -9.22 0.32 4.48
N GLU A 49 -8.68 0.60 3.30
CA GLU A 49 -9.55 0.83 2.14
CA GLU A 49 -9.55 0.82 2.13
C GLU A 49 -10.37 -0.42 1.82
N MET A 50 -9.76 -1.60 1.90
CA MET A 50 -10.48 -2.83 1.61
C MET A 50 -11.66 -3.01 2.57
N LEU A 51 -11.41 -2.85 3.88
CA LEU A 51 -12.47 -3.07 4.86
C LEU A 51 -13.55 -2.01 4.76
N VAL A 52 -13.18 -0.75 4.58
CA VAL A 52 -14.17 0.31 4.42
C VAL A 52 -15.06 0.04 3.22
N ASN A 53 -14.48 -0.49 2.14
CA ASN A 53 -15.27 -0.82 0.96
C ASN A 53 -16.10 -2.07 1.19
N VAL A 54 -15.58 -3.05 1.93
CA VAL A 54 -16.36 -4.24 2.25
C VAL A 54 -17.54 -3.89 3.14
N LEU A 55 -17.41 -2.86 3.96
CA LEU A 55 -18.47 -2.43 4.87
C LEU A 55 -19.36 -1.35 4.27
N ASN A 56 -19.36 -1.20 2.95
CA ASN A 56 -20.26 -0.27 2.27
C ASN A 56 -21.01 -0.97 1.15
N SER A 87 -14.41 -10.57 20.41
CA SER A 87 -14.50 -9.38 19.58
C SER A 87 -14.64 -8.12 20.43
N HIS A 88 -14.69 -6.96 19.77
CA HIS A 88 -14.86 -5.68 20.43
C HIS A 88 -16.20 -5.03 20.12
N PHE A 89 -17.13 -5.77 19.55
CA PHE A 89 -18.40 -5.22 19.09
C PHE A 89 -19.51 -5.50 20.11
N ASP A 90 -20.49 -4.61 20.14
CA ASP A 90 -21.68 -4.82 20.94
C ASP A 90 -22.75 -5.50 20.07
N ALA A 91 -23.97 -5.61 20.61
CA ALA A 91 -25.01 -6.34 19.91
C ALA A 91 -25.36 -5.68 18.58
N ASP A 92 -25.51 -4.37 18.57
CA ASP A 92 -25.89 -3.67 17.33
C ASP A 92 -24.74 -3.68 16.32
N GLU A 93 -23.50 -3.60 16.81
CA GLU A 93 -22.36 -3.59 15.89
C GLU A 93 -22.18 -4.95 15.21
N ILE A 94 -22.42 -6.03 15.94
CA ILE A 94 -22.39 -7.36 15.32
C ILE A 94 -23.55 -7.53 14.35
N LYS A 95 -24.73 -7.01 14.73
CA LYS A 95 -25.89 -7.10 13.84
C LYS A 95 -25.67 -6.33 12.56
N ARG A 96 -24.96 -5.20 12.64
CA ARG A 96 -24.64 -4.44 11.43
C ARG A 96 -23.70 -5.23 10.53
N LEU A 97 -22.74 -5.95 11.13
CA LEU A 97 -21.79 -6.71 10.33
C LEU A 97 -22.42 -7.95 9.72
N GLY A 98 -23.44 -8.52 10.36
CA GLY A 98 -24.13 -9.65 9.78
C GLY A 98 -24.87 -9.29 8.51
N LYS A 99 -25.36 -8.05 8.42
CA LYS A 99 -26.07 -7.61 7.21
C LYS A 99 -25.11 -7.42 6.05
N ARG A 100 -23.98 -6.75 6.29
CA ARG A 100 -23.01 -6.51 5.23
C ARG A 100 -22.28 -7.79 4.81
N PHE A 101 -22.28 -8.81 5.67
CA PHE A 101 -21.69 -10.09 5.30
C PHE A 101 -22.58 -10.84 4.31
N LYS A 102 -23.88 -10.94 4.62
CA LYS A 102 -24.79 -11.71 3.78
C LYS A 102 -24.97 -11.07 2.41
N LYS A 103 -24.77 -9.76 2.30
CA LYS A 103 -24.90 -9.08 1.01
C LYS A 103 -23.76 -9.43 0.06
N LEU A 104 -22.63 -9.88 0.59
CA LEU A 104 -21.47 -10.24 -0.23
C LEU A 104 -21.31 -11.75 -0.39
N ASP A 105 -22.17 -12.55 0.24
CA ASP A 105 -22.05 -14.01 0.13
C ASP A 105 -22.33 -14.49 -1.29
N LEU A 106 -23.21 -13.79 -2.01
CA LEU A 106 -23.55 -14.08 -3.40
C LEU A 106 -24.16 -15.47 -3.56
N ASP A 107 -23.36 -16.52 -3.49
CA ASP A 107 -23.85 -17.88 -3.72
C ASP A 107 -24.46 -18.50 -2.46
N ASN A 108 -24.57 -17.74 -1.37
CA ASN A 108 -25.26 -18.17 -0.14
C ASN A 108 -24.64 -19.42 0.47
N SER A 109 -23.35 -19.65 0.23
CA SER A 109 -22.68 -20.82 0.79
C SER A 109 -22.34 -20.65 2.26
N GLY A 110 -22.50 -19.45 2.82
CA GLY A 110 -22.15 -19.20 4.20
C GLY A 110 -20.70 -18.91 4.44
N SER A 111 -19.90 -18.72 3.40
CA SER A 111 -18.48 -18.45 3.55
C SER A 111 -18.02 -17.60 2.38
N LEU A 112 -17.45 -16.43 2.68
CA LEU A 112 -16.93 -15.55 1.64
C LEU A 112 -15.68 -16.14 1.03
N SER A 113 -15.68 -16.28 -0.29
CA SER A 113 -14.56 -16.82 -1.05
C SER A 113 -13.82 -15.71 -1.78
N VAL A 114 -12.71 -16.08 -2.42
CA VAL A 114 -11.90 -15.10 -3.15
C VAL A 114 -12.70 -14.49 -4.29
N GLU A 115 -13.50 -15.30 -4.97
CA GLU A 115 -14.29 -14.78 -6.09
C GLU A 115 -15.30 -13.74 -5.63
N GLU A 116 -15.90 -13.95 -4.46
CA GLU A 116 -16.87 -12.99 -3.95
C GLU A 116 -16.21 -11.71 -3.49
N PHE A 117 -15.01 -11.81 -2.92
CA PHE A 117 -14.29 -10.62 -2.48
C PHE A 117 -13.88 -9.75 -3.67
N MET A 118 -13.45 -10.37 -4.76
CA MET A 118 -13.06 -9.62 -5.95
C MET A 118 -14.24 -9.14 -6.78
N SER A 119 -15.47 -9.39 -6.32
CA SER A 119 -16.64 -8.86 -7.02
C SER A 119 -16.78 -7.37 -6.84
N LEU A 120 -16.31 -6.84 -5.72
CA LEU A 120 -16.35 -5.39 -5.51
C LEU A 120 -15.30 -4.72 -6.38
N PRO A 121 -15.68 -3.72 -7.19
CA PRO A 121 -14.69 -3.08 -8.08
C PRO A 121 -13.61 -2.33 -7.33
N GLU A 122 -13.86 -1.89 -6.11
CA GLU A 122 -12.84 -1.17 -5.35
C GLU A 122 -11.73 -2.09 -4.85
N LEU A 123 -11.95 -3.41 -4.87
CA LEU A 123 -10.95 -4.37 -4.43
C LEU A 123 -10.17 -4.99 -5.59
N GLN A 124 -10.54 -4.69 -6.84
CA GLN A 124 -9.90 -5.33 -7.98
C GLN A 124 -8.43 -4.96 -8.08
N GLN A 125 -8.10 -3.69 -7.84
CA GLN A 125 -6.74 -3.21 -7.94
C GLN A 125 -6.06 -3.02 -6.59
N ASN A 126 -6.66 -3.55 -5.52
CA ASN A 126 -6.05 -3.47 -4.20
C ASN A 126 -5.10 -4.66 -4.04
N PRO A 127 -3.79 -4.44 -3.95
CA PRO A 127 -2.84 -5.57 -3.93
C PRO A 127 -2.78 -6.32 -2.61
N LEU A 128 -3.47 -5.85 -1.57
CA LEU A 128 -3.43 -6.51 -0.27
C LEU A 128 -4.69 -7.31 0.03
N VAL A 129 -5.52 -7.56 -0.98
CA VAL A 129 -6.78 -8.27 -0.75
C VAL A 129 -6.52 -9.71 -0.32
N GLN A 130 -5.67 -10.41 -1.06
CA GLN A 130 -5.45 -11.83 -0.79
C GLN A 130 -4.81 -12.06 0.58
N ARG A 131 -3.93 -11.14 1.01
CA ARG A 131 -3.32 -11.28 2.33
C ARG A 131 -4.37 -11.16 3.43
N VAL A 132 -5.26 -10.17 3.31
CA VAL A 132 -6.32 -10.00 4.31
C VAL A 132 -7.23 -11.21 4.32
N ILE A 133 -7.57 -11.73 3.14
CA ILE A 133 -8.37 -12.95 3.07
C ILE A 133 -7.62 -14.11 3.71
N ASP A 134 -6.33 -14.22 3.45
CA ASP A 134 -5.54 -15.32 4.01
C ASP A 134 -5.44 -15.20 5.53
N ILE A 135 -5.33 -13.98 6.05
CA ILE A 135 -5.26 -13.78 7.50
C ILE A 135 -6.62 -14.04 8.13
N PHE A 136 -7.70 -13.58 7.48
CA PHE A 136 -9.04 -13.86 8.00
C PHE A 136 -9.32 -15.36 8.05
N ASP A 137 -8.82 -16.09 7.04
CA ASP A 137 -9.03 -17.55 6.95
C ASP A 137 -8.24 -18.21 8.08
N THR A 138 -8.82 -18.20 9.27
CA THR A 138 -8.14 -18.74 10.45
C THR A 138 -7.98 -20.25 10.35
N ASP A 139 -9.08 -20.96 10.08
CA ASP A 139 -8.98 -22.41 9.92
C ASP A 139 -8.32 -22.81 8.61
N GLY A 140 -8.10 -21.87 7.70
CA GLY A 140 -7.32 -22.13 6.49
C GLY A 140 -8.01 -22.99 5.46
N ASN A 141 -9.31 -22.76 5.21
CA ASN A 141 -10.06 -23.53 4.24
C ASN A 141 -10.25 -22.80 2.91
N GLY A 142 -9.55 -21.68 2.71
CA GLY A 142 -9.64 -20.93 1.48
C GLY A 142 -10.72 -19.86 1.47
N GLU A 143 -11.73 -19.96 2.33
CA GLU A 143 -12.83 -19.01 2.38
C GLU A 143 -12.92 -18.42 3.78
N VAL A 144 -13.86 -17.48 3.96
CA VAL A 144 -13.99 -16.73 5.20
C VAL A 144 -15.39 -16.95 5.75
N ASP A 145 -15.49 -17.58 6.91
CA ASP A 145 -16.76 -17.76 7.58
C ASP A 145 -17.22 -16.44 8.19
N PHE A 146 -18.38 -16.48 8.85
CA PHE A 146 -18.86 -15.28 9.55
C PHE A 146 -18.07 -15.05 10.84
N LYS A 147 -17.69 -16.13 11.53
CA LYS A 147 -16.87 -15.98 12.73
C LYS A 147 -15.50 -15.41 12.38
N GLU A 148 -14.89 -15.92 11.30
CA GLU A 148 -13.64 -15.35 10.82
C GLU A 148 -13.83 -13.91 10.35
N PHE A 149 -15.00 -13.60 9.79
CA PHE A 149 -15.28 -12.23 9.36
C PHE A 149 -15.37 -11.29 10.56
N ILE A 150 -16.08 -11.72 11.61
CA ILE A 150 -16.21 -10.89 12.80
C ILE A 150 -14.86 -10.73 13.49
N GLU A 151 -14.16 -11.84 13.70
CA GLU A 151 -12.85 -11.80 14.36
C GLU A 151 -11.80 -11.11 13.49
N GLY A 152 -11.98 -11.09 12.19
CA GLY A 152 -11.05 -10.39 11.31
C GLY A 152 -11.27 -8.89 11.32
N VAL A 153 -12.53 -8.46 11.34
CA VAL A 153 -12.83 -7.04 11.41
C VAL A 153 -12.55 -6.49 12.79
N SER A 154 -12.67 -7.34 13.83
CA SER A 154 -12.47 -6.87 15.20
C SER A 154 -11.05 -6.36 15.44
N GLN A 155 -10.07 -6.80 14.65
CA GLN A 155 -8.71 -6.33 14.83
C GLN A 155 -8.53 -4.87 14.40
N PHE A 156 -9.52 -4.29 13.71
CA PHE A 156 -9.43 -2.93 13.22
C PHE A 156 -10.43 -1.98 13.88
N SER A 157 -11.27 -2.49 14.78
CA SER A 157 -12.20 -1.63 15.48
C SER A 157 -11.46 -0.68 16.41
N VAL A 158 -12.01 0.53 16.56
CA VAL A 158 -11.49 1.43 17.57
C VAL A 158 -11.72 0.82 18.94
N LYS A 159 -10.99 1.34 19.94
CA LYS A 159 -10.92 0.76 21.27
C LYS A 159 -10.28 -0.62 21.26
N GLY A 160 -9.55 -0.94 20.18
CA GLY A 160 -8.80 -2.17 20.14
C GLY A 160 -7.36 -1.98 20.58
N ASP A 161 -6.71 -3.08 20.94
CA ASP A 161 -5.36 -3.01 21.49
C ASP A 161 -4.37 -2.60 20.40
N LYS A 162 -3.31 -1.93 20.83
CA LYS A 162 -2.24 -1.55 19.92
C LYS A 162 -1.43 -2.77 19.48
N GLU A 163 -1.16 -3.68 20.41
CA GLU A 163 -0.33 -4.84 20.11
C GLU A 163 -0.99 -5.77 19.09
N GLN A 164 -2.31 -5.91 19.15
CA GLN A 164 -3.00 -6.77 18.19
C GLN A 164 -3.02 -6.15 16.80
N LYS A 165 -2.96 -4.82 16.71
CA LYS A 165 -2.89 -4.17 15.40
C LYS A 165 -1.51 -4.32 14.79
N LEU A 166 -0.46 -4.36 15.62
CA LEU A 166 0.87 -4.68 15.11
C LEU A 166 0.98 -6.17 14.79
N ARG A 167 0.20 -7.02 15.47
CA ARG A 167 0.20 -8.43 15.14
C ARG A 167 -0.44 -8.70 13.79
N PHE A 168 -1.45 -7.91 13.41
CA PHE A 168 -2.01 -8.05 12.07
C PHE A 168 -1.01 -7.56 11.02
N ALA A 169 -0.35 -6.43 11.27
CA ALA A 169 0.66 -5.93 10.35
C ALA A 169 1.77 -6.96 10.16
N PHE A 170 2.15 -7.64 11.25
CA PHE A 170 3.12 -8.73 11.13
C PHE A 170 2.57 -9.87 10.30
N ARG A 171 1.28 -10.20 10.48
CA ARG A 171 0.69 -11.30 9.73
C ARG A 171 0.56 -10.99 8.23
N ILE A 172 0.66 -9.72 7.85
CA ILE A 172 0.64 -9.37 6.43
C ILE A 172 1.86 -9.97 5.72
N TYR A 173 3.01 -9.91 6.36
CA TYR A 173 4.24 -10.42 5.76
C TYR A 173 4.48 -11.91 6.06
N ASP A 174 4.06 -12.37 7.24
CA ASP A 174 4.25 -13.76 7.65
C ASP A 174 3.21 -14.62 6.93
N MET A 175 3.58 -15.11 5.74
CA MET A 175 2.61 -15.79 4.89
C MET A 175 2.19 -17.13 5.48
N ASP A 176 3.15 -17.97 5.88
CA ASP A 176 2.83 -19.29 6.38
C ASP A 176 2.39 -19.30 7.83
N LYS A 177 2.38 -18.13 8.49
CA LYS A 177 1.82 -17.96 9.83
C LYS A 177 2.60 -18.73 10.90
N ASP A 178 3.90 -18.96 10.67
CA ASP A 178 4.72 -19.65 11.66
C ASP A 178 5.32 -18.71 12.70
N GLY A 179 5.06 -17.41 12.60
CA GLY A 179 5.59 -16.44 13.53
C GLY A 179 6.89 -15.80 13.13
N TYR A 180 7.44 -16.14 11.96
CA TYR A 180 8.72 -15.61 11.51
C TYR A 180 8.60 -15.18 10.05
N ILE A 181 9.06 -13.98 9.75
CA ILE A 181 9.07 -13.46 8.38
C ILE A 181 10.36 -13.92 7.72
N SER A 182 10.25 -14.83 6.77
CA SER A 182 11.41 -15.31 6.03
C SER A 182 11.70 -14.38 4.86
N ASN A 183 12.90 -14.55 4.28
CA ASN A 183 13.31 -13.71 3.16
C ASN A 183 12.36 -13.87 1.98
N GLY A 184 12.02 -15.12 1.64
CA GLY A 184 11.10 -15.35 0.53
C GLY A 184 9.72 -14.77 0.78
N GLU A 185 9.26 -14.81 2.04
CA GLU A 185 7.98 -14.22 2.38
C GLU A 185 8.01 -12.71 2.22
N LEU A 186 9.06 -12.07 2.76
CA LEU A 186 9.15 -10.61 2.69
C LEU A 186 9.24 -10.14 1.24
N PHE A 187 9.99 -10.85 0.40
CA PHE A 187 10.08 -10.49 -1.01
C PHE A 187 8.73 -10.64 -1.70
N GLN A 188 8.06 -11.79 -1.49
CA GLN A 188 6.84 -12.07 -2.22
C GLN A 188 5.73 -11.08 -1.86
N VAL A 189 5.60 -10.75 -0.58
CA VAL A 189 4.55 -9.81 -0.17
C VAL A 189 4.85 -8.41 -0.70
N LEU A 190 6.12 -7.98 -0.62
CA LEU A 190 6.50 -6.72 -1.20
C LEU A 190 6.33 -6.72 -2.71
N LYS A 191 6.51 -7.88 -3.34
CA LYS A 191 6.35 -7.98 -4.79
C LYS A 191 4.89 -7.73 -5.19
N MET A 192 3.94 -8.19 -4.38
CA MET A 192 2.53 -7.98 -4.69
C MET A 192 2.18 -6.49 -4.69
N MET A 193 2.81 -5.72 -3.80
CA MET A 193 2.62 -4.28 -3.69
C MET A 193 3.47 -3.51 -4.70
N VAL A 194 4.70 -3.96 -4.93
CA VAL A 194 5.59 -3.24 -5.84
C VAL A 194 5.30 -3.61 -7.29
N GLY A 195 5.10 -4.88 -7.57
CA GLY A 195 4.86 -5.29 -8.95
C GLY A 195 6.10 -5.06 -9.79
N ASN A 196 5.92 -4.39 -10.91
CA ASN A 196 7.00 -4.12 -11.86
C ASN A 196 7.71 -2.79 -11.60
N ASN A 197 7.33 -2.06 -10.56
CA ASN A 197 7.88 -0.73 -10.31
C ASN A 197 9.29 -0.78 -9.73
N LEU A 198 9.75 -1.94 -9.29
CA LEU A 198 11.14 -2.16 -8.90
C LEU A 198 11.68 -3.38 -9.63
N LYS A 199 12.98 -3.41 -9.86
CA LYS A 199 13.61 -4.63 -10.35
C LYS A 199 13.68 -5.64 -9.22
N ASP A 200 13.52 -6.92 -9.57
CA ASP A 200 13.60 -7.97 -8.57
C ASP A 200 14.94 -7.95 -7.85
N THR A 201 16.01 -7.60 -8.56
CA THR A 201 17.32 -7.46 -7.92
C THR A 201 17.32 -6.31 -6.93
N GLN A 202 16.70 -5.18 -7.28
CA GLN A 202 16.62 -4.06 -6.37
C GLN A 202 15.79 -4.42 -5.14
N LEU A 203 14.64 -5.04 -5.34
CA LEU A 203 13.80 -5.45 -4.22
C LEU A 203 14.48 -6.50 -3.36
N GLN A 204 15.21 -7.43 -4.00
CA GLN A 204 15.91 -8.46 -3.24
C GLN A 204 17.02 -7.86 -2.38
N GLN A 205 17.68 -6.81 -2.89
CA GLN A 205 18.79 -6.21 -2.15
C GLN A 205 18.30 -5.51 -0.88
N ILE A 206 17.22 -4.74 -0.98
CA ILE A 206 16.70 -4.06 0.20
C ILE A 206 16.06 -5.04 1.17
N VAL A 207 15.51 -6.15 0.67
CA VAL A 207 14.99 -7.18 1.54
C VAL A 207 16.12 -7.81 2.35
N ASP A 208 17.26 -8.05 1.69
CA ASP A 208 18.42 -8.62 2.37
C ASP A 208 18.92 -7.71 3.47
N LYS A 209 19.10 -6.43 3.17
CA LYS A 209 19.66 -5.49 4.13
C LYS A 209 18.73 -5.31 5.33
N THR A 210 17.42 -5.27 5.08
CA THR A 210 16.46 -5.06 6.17
C THR A 210 16.51 -6.22 7.16
N ILE A 211 16.46 -7.46 6.66
CA ILE A 211 16.46 -8.61 7.53
C ILE A 211 17.80 -8.72 8.27
N ILE A 212 18.91 -8.51 7.57
CA ILE A 212 20.22 -8.63 8.20
C ILE A 212 20.35 -7.64 9.35
N ASN A 213 19.87 -6.42 9.17
CA ASN A 213 19.95 -5.41 10.22
C ASN A 213 18.94 -5.67 11.33
N ALA A 214 17.82 -6.33 11.02
CA ALA A 214 16.78 -6.58 12.02
C ALA A 214 16.88 -7.94 12.68
N ASP A 215 17.57 -8.90 12.05
CA ASP A 215 17.72 -10.23 12.62
C ASP A 215 18.67 -10.21 13.81
N LYS A 216 18.11 -10.06 15.01
CA LYS A 216 18.95 -9.92 16.20
C LYS A 216 19.59 -11.25 16.59
N ASP A 217 18.81 -12.34 16.60
CA ASP A 217 19.31 -13.63 17.02
C ASP A 217 20.04 -14.40 15.92
N GLY A 218 19.96 -13.93 14.68
CA GLY A 218 20.78 -14.50 13.61
C GLY A 218 20.24 -15.75 12.97
N ASP A 219 18.92 -15.95 12.97
CA ASP A 219 18.32 -17.13 12.36
C ASP A 219 17.76 -16.86 10.97
N GLY A 220 18.07 -15.69 10.39
CA GLY A 220 17.64 -15.36 9.04
C GLY A 220 16.20 -14.96 8.90
N ARG A 221 15.42 -14.97 9.97
CA ARG A 221 14.01 -14.63 9.95
C ARG A 221 13.75 -13.46 10.89
N ILE A 222 12.58 -12.84 10.74
CA ILE A 222 12.19 -11.69 11.55
C ILE A 222 11.03 -12.14 12.44
N SER A 223 11.29 -12.23 13.74
CA SER A 223 10.25 -12.54 14.70
C SER A 223 9.44 -11.28 15.01
N PHE A 224 8.33 -11.47 15.73
CA PHE A 224 7.47 -10.35 16.08
C PHE A 224 8.22 -9.35 16.95
N GLU A 225 9.09 -9.83 17.84
CA GLU A 225 9.87 -8.94 18.68
C GLU A 225 10.87 -8.13 17.86
N GLU A 226 11.53 -8.78 16.90
CA GLU A 226 12.42 -8.05 15.99
C GLU A 226 11.65 -7.11 15.09
N PHE A 227 10.47 -7.54 14.63
CA PHE A 227 9.62 -6.67 13.81
C PHE A 227 9.16 -5.45 14.61
N CYS A 228 8.83 -5.64 15.89
CA CYS A 228 8.39 -4.52 16.72
C CYS A 228 9.53 -3.57 17.02
N ALA A 229 10.78 -4.04 17.02
CA ALA A 229 11.91 -3.16 17.25
C ALA A 229 12.12 -2.21 16.07
N VAL A 230 11.80 -2.65 14.86
CA VAL A 230 11.94 -1.80 13.68
C VAL A 230 10.72 -0.89 13.52
N VAL A 231 9.55 -1.36 13.92
CA VAL A 231 8.28 -0.74 13.53
C VAL A 231 7.72 0.11 14.67
N GLY A 232 8.07 -0.23 15.90
CA GLY A 232 7.38 0.33 17.06
C GLY A 232 7.18 1.83 17.01
N GLY A 233 8.18 2.57 16.56
CA GLY A 233 8.08 4.02 16.52
C GLY A 233 7.20 4.58 15.42
N LEU A 234 6.61 3.73 14.58
CA LEU A 234 5.82 4.21 13.46
C LEU A 234 4.38 4.56 13.84
N ASP A 235 3.86 3.98 14.93
CA ASP A 235 2.48 4.18 15.33
C ASP A 235 1.52 3.82 14.19
N ILE A 236 1.79 2.67 13.55
CA ILE A 236 0.94 2.21 12.46
C ILE A 236 -0.44 1.81 12.95
N HIS A 237 -0.59 1.52 14.24
CA HIS A 237 -1.89 1.13 14.79
C HIS A 237 -2.89 2.28 14.74
N LYS A 238 -2.42 3.53 14.71
CA LYS A 238 -3.33 4.66 14.62
C LYS A 238 -3.99 4.77 13.25
N LYS A 239 -3.39 4.15 12.22
CA LYS A 239 -3.96 4.18 10.88
C LYS A 239 -4.93 3.03 10.63
N MET A 240 -4.89 1.97 11.44
CA MET A 240 -5.72 0.79 11.24
C MET A 240 -6.97 0.88 12.10
N VAL A 241 -7.87 1.78 11.72
CA VAL A 241 -9.13 2.01 12.41
C VAL A 241 -10.25 2.09 11.39
N VAL A 242 -11.34 1.36 11.65
CA VAL A 242 -12.52 1.38 10.80
C VAL A 242 -13.74 1.51 11.69
N ASP A 243 -14.71 2.32 11.27
CA ASP A 243 -15.95 2.48 12.00
C ASP A 243 -16.88 1.31 11.74
N VAL A 244 -17.61 0.91 12.78
CA VAL A 244 -18.56 -0.20 12.67
C VAL A 244 -19.97 0.34 12.89
N GLY B 44 -3.39 23.26 -5.16
CA GLY B 44 -3.45 21.90 -5.65
C GLY B 44 -2.19 21.46 -6.36
N VAL B 45 -2.31 21.19 -7.66
CA VAL B 45 -1.18 20.78 -8.50
C VAL B 45 -1.08 21.76 -9.65
N GLN B 46 0.15 22.22 -9.91
CA GLN B 46 0.43 23.14 -11.01
C GLN B 46 1.30 22.40 -12.02
N VAL B 47 0.79 22.24 -13.23
CA VAL B 47 1.48 21.51 -14.30
C VAL B 47 2.17 22.53 -15.19
N GLU B 48 3.48 22.38 -15.36
CA GLU B 48 4.30 23.28 -16.17
C GLU B 48 5.07 22.46 -17.18
N THR B 49 4.91 22.79 -18.46
CA THR B 49 5.45 21.97 -19.54
C THR B 49 6.94 22.21 -19.72
N ILE B 50 7.71 21.12 -19.73
CA ILE B 50 9.14 21.17 -20.04
C ILE B 50 9.33 20.82 -21.51
N SER B 51 8.85 19.64 -21.91
CA SER B 51 8.86 19.20 -23.29
C SER B 51 7.46 18.71 -23.65
N PRO B 52 6.89 19.18 -24.76
CA PRO B 52 5.53 18.79 -25.12
C PRO B 52 5.50 17.44 -25.84
N GLY B 53 4.33 16.80 -25.76
CA GLY B 53 4.10 15.56 -26.46
C GLY B 53 2.94 15.67 -27.44
N ASP B 54 2.51 14.55 -27.99
CA ASP B 54 1.32 14.57 -28.86
C ASP B 54 0.12 15.04 -28.07
N GLY B 55 -0.61 16.01 -28.62
CA GLY B 55 -1.67 16.66 -27.87
C GLY B 55 -2.95 15.86 -27.72
N ARG B 56 -3.15 14.83 -28.55
CA ARG B 56 -4.44 14.15 -28.59
C ARG B 56 -4.58 13.08 -27.51
N THR B 57 -3.56 12.26 -27.30
CA THR B 57 -3.67 11.07 -26.45
C THR B 57 -3.45 11.46 -25.00
N PHE B 58 -4.54 11.54 -24.23
CA PHE B 58 -4.51 11.79 -22.81
C PHE B 58 -5.01 10.55 -22.06
N PRO B 59 -4.41 10.22 -20.91
CA PRO B 59 -4.84 9.02 -20.18
C PRO B 59 -6.21 9.22 -19.54
N LYS B 60 -7.02 8.17 -19.60
CA LYS B 60 -8.35 8.15 -19.00
C LYS B 60 -8.36 7.20 -17.82
N ARG B 61 -9.52 7.08 -17.19
CA ARG B 61 -9.67 6.15 -16.07
C ARG B 61 -9.60 4.71 -16.55
N GLY B 62 -8.84 3.89 -15.84
CA GLY B 62 -8.64 2.50 -16.19
C GLY B 62 -7.36 2.23 -16.97
N GLN B 63 -6.83 3.24 -17.67
CA GLN B 63 -5.58 3.07 -18.40
C GLN B 63 -4.40 3.11 -17.42
N THR B 64 -3.26 2.62 -17.90
CA THR B 64 -2.04 2.55 -17.12
C THR B 64 -1.01 3.49 -17.72
N CYS B 65 -0.50 4.42 -16.91
CA CYS B 65 0.49 5.39 -17.36
C CYS B 65 1.88 4.89 -17.03
N VAL B 66 2.74 4.83 -18.04
CA VAL B 66 4.14 4.45 -17.88
C VAL B 66 4.96 5.72 -17.88
N VAL B 67 5.60 6.03 -16.75
CA VAL B 67 6.28 7.31 -16.58
C VAL B 67 7.67 7.09 -16.01
N HIS B 68 8.52 8.09 -16.25
CA HIS B 68 9.77 8.28 -15.52
C HIS B 68 9.65 9.59 -14.73
N TYR B 69 10.09 9.55 -13.46
CA TYR B 69 9.90 10.70 -12.60
C TYR B 69 11.14 10.93 -11.75
N THR B 70 11.27 12.17 -11.28
CA THR B 70 12.27 12.55 -10.28
C THR B 70 11.58 13.45 -9.26
N GLY B 71 11.52 12.99 -8.02
CA GLY B 71 10.84 13.71 -6.95
C GLY B 71 11.83 14.54 -6.15
N MET B 72 11.51 15.82 -5.99
CA MET B 72 12.34 16.75 -5.25
C MET B 72 11.48 17.51 -4.24
N LEU B 73 12.12 17.91 -3.14
CA LEU B 73 11.47 18.83 -2.22
C LEU B 73 11.39 20.22 -2.88
N GLU B 74 10.62 21.11 -2.24
CA GLU B 74 10.37 22.42 -2.83
C GLU B 74 11.67 23.19 -3.07
N ASP B 75 12.70 22.95 -2.24
CA ASP B 75 13.99 23.59 -2.45
C ASP B 75 14.79 22.98 -3.59
N GLY B 76 14.32 21.87 -4.17
CA GLY B 76 14.99 21.23 -5.27
C GLY B 76 15.74 19.96 -4.91
N LYS B 77 15.86 19.64 -3.62
CA LYS B 77 16.64 18.48 -3.21
C LYS B 77 15.92 17.20 -3.59
N LYS B 78 16.60 16.33 -4.32
CA LYS B 78 16.00 15.08 -4.77
C LYS B 78 15.86 14.10 -3.61
N PHE B 79 14.71 13.42 -3.56
CA PHE B 79 14.52 12.32 -2.62
C PHE B 79 14.23 10.99 -3.28
N ASP B 80 13.83 10.97 -4.55
CA ASP B 80 13.57 9.73 -5.25
C ASP B 80 13.62 9.99 -6.75
N SER B 81 13.94 8.94 -7.50
CA SER B 81 13.98 9.03 -8.95
C SER B 81 13.87 7.63 -9.54
N SER B 82 12.91 7.45 -10.44
CA SER B 82 12.80 6.19 -11.18
C SER B 82 13.91 6.05 -12.23
N ARG B 83 14.48 7.18 -12.66
CA ARG B 83 15.59 7.12 -13.61
C ARG B 83 16.82 6.52 -12.96
N ASP B 84 17.05 6.83 -11.67
CA ASP B 84 18.15 6.21 -10.95
C ASP B 84 17.97 4.70 -10.84
N ARG B 85 16.72 4.23 -10.84
CA ARG B 85 16.44 2.80 -10.75
C ARG B 85 16.48 2.10 -12.11
N ASN B 86 16.54 2.85 -13.21
CA ASN B 86 16.41 2.29 -14.55
C ASN B 86 15.12 1.49 -14.71
N LYS B 87 14.08 1.90 -13.99
CA LYS B 87 12.78 1.23 -14.05
C LYS B 87 11.67 2.27 -14.07
N PRO B 88 10.97 2.41 -15.20
CA PRO B 88 9.86 3.37 -15.25
C PRO B 88 8.77 3.00 -14.25
N PHE B 89 8.08 4.03 -13.77
CA PHE B 89 6.98 3.84 -12.83
C PHE B 89 5.67 3.71 -13.57
N LYS B 90 4.82 2.79 -13.11
CA LYS B 90 3.53 2.52 -13.74
C LYS B 90 2.43 2.59 -12.70
N PHE B 91 1.27 3.12 -13.11
CA PHE B 91 0.11 3.19 -12.24
C PHE B 91 -1.14 3.33 -13.11
N MET B 92 -2.25 2.81 -12.60
CA MET B 92 -3.53 2.92 -13.28
C MET B 92 -4.29 4.14 -12.75
N LEU B 93 -4.79 4.95 -13.68
CA LEU B 93 -5.51 6.16 -13.30
C LEU B 93 -6.89 5.82 -12.75
N GLY B 94 -7.32 6.58 -11.74
CA GLY B 94 -8.63 6.40 -11.16
C GLY B 94 -8.78 5.25 -10.19
N LYS B 95 -7.70 4.55 -9.86
CA LYS B 95 -7.75 3.42 -8.93
C LYS B 95 -7.10 3.74 -7.59
N GLN B 96 -6.90 5.03 -7.28
CA GLN B 96 -6.39 5.48 -5.99
C GLN B 96 -5.03 4.85 -5.67
N GLU B 97 -4.12 4.94 -6.64
CA GLU B 97 -2.79 4.37 -6.49
C GLU B 97 -1.70 5.40 -6.29
N VAL B 98 -1.95 6.68 -6.57
CA VAL B 98 -0.96 7.73 -6.46
C VAL B 98 -1.57 8.89 -5.68
N ILE B 99 -0.71 9.83 -5.29
CA ILE B 99 -1.18 11.02 -4.59
C ILE B 99 -2.07 11.85 -5.52
N ARG B 100 -2.91 12.68 -4.91
CA ARG B 100 -3.89 13.46 -5.67
C ARG B 100 -3.21 14.39 -6.67
N GLY B 101 -2.00 14.88 -6.35
CA GLY B 101 -1.28 15.70 -7.30
C GLY B 101 -0.90 14.96 -8.57
N TRP B 102 -0.61 13.65 -8.45
CA TRP B 102 -0.32 12.85 -9.62
C TRP B 102 -1.60 12.49 -10.38
N GLU B 103 -2.68 12.21 -9.66
CA GLU B 103 -3.96 11.90 -10.31
C GLU B 103 -4.43 13.07 -11.17
N GLU B 104 -4.41 14.28 -10.61
CA GLU B 104 -4.87 15.45 -11.33
C GLU B 104 -3.83 15.97 -12.30
N GLY B 105 -2.54 15.78 -12.00
CA GLY B 105 -1.49 16.32 -12.82
C GLY B 105 -1.16 15.49 -14.06
N VAL B 106 -0.95 14.19 -13.86
CA VAL B 106 -0.62 13.33 -14.99
C VAL B 106 -1.80 13.22 -15.96
N ALA B 107 -3.02 13.35 -15.46
CA ALA B 107 -4.19 13.32 -16.32
C ALA B 107 -4.16 14.45 -17.35
N GLN B 108 -3.64 15.61 -16.94
CA GLN B 108 -3.51 16.75 -17.85
C GLN B 108 -2.35 16.58 -18.82
N MET B 109 -1.53 15.55 -18.66
CA MET B 109 -0.40 15.30 -19.53
C MET B 109 -0.81 14.38 -20.68
N SER B 110 0.06 14.32 -21.69
CA SER B 110 -0.18 13.50 -22.87
C SER B 110 1.09 12.76 -23.23
N VAL B 111 0.93 11.72 -24.05
CA VAL B 111 2.03 10.80 -24.33
C VAL B 111 3.19 11.56 -24.96
N GLY B 112 4.37 11.39 -24.37
CA GLY B 112 5.57 12.08 -24.80
C GLY B 112 5.88 13.35 -24.04
N GLN B 113 4.89 13.93 -23.37
CA GLN B 113 5.10 15.19 -22.65
C GLN B 113 5.94 14.96 -21.40
N ARG B 114 6.84 15.91 -21.14
CA ARG B 114 7.60 15.96 -19.90
C ARG B 114 7.31 17.29 -19.23
N ALA B 115 6.90 17.23 -17.96
CA ALA B 115 6.40 18.42 -17.27
C ALA B 115 6.88 18.44 -15.83
N LYS B 116 6.86 19.63 -15.24
CA LYS B 116 7.18 19.84 -13.84
C LYS B 116 5.89 20.01 -13.07
N LEU B 117 5.68 19.16 -12.06
CA LEU B 117 4.46 19.15 -11.26
C LEU B 117 4.77 19.69 -9.87
N THR B 118 4.27 20.88 -9.57
CA THR B 118 4.38 21.47 -8.24
C THR B 118 3.11 21.15 -7.48
N ILE B 119 3.25 20.42 -6.37
CA ILE B 119 2.12 19.83 -5.66
C ILE B 119 2.10 20.37 -4.24
N SER B 120 0.96 20.92 -3.83
CA SER B 120 0.78 21.40 -2.47
C SER B 120 0.67 20.21 -1.52
N PRO B 121 0.91 20.42 -0.22
CA PRO B 121 0.83 19.30 0.73
C PRO B 121 -0.54 18.63 0.77
N ASP B 122 -1.62 19.41 0.66
CA ASP B 122 -2.96 18.83 0.73
C ASP B 122 -3.21 17.84 -0.40
N TYR B 123 -2.52 18.00 -1.52
CA TYR B 123 -2.58 17.05 -2.62
C TYR B 123 -1.44 16.04 -2.59
N ALA B 124 -0.51 16.17 -1.64
CA ALA B 124 0.57 15.19 -1.50
C ALA B 124 0.41 14.39 -0.22
N TYR B 125 1.25 14.69 0.78
CA TYR B 125 1.27 13.93 2.03
C TYR B 125 0.84 14.78 3.23
N GLY B 126 0.36 15.99 3.00
CA GLY B 126 -0.35 16.75 4.01
C GLY B 126 0.48 17.09 5.24
N ALA B 127 -0.23 17.34 6.34
CA ALA B 127 0.40 17.76 7.59
C ALA B 127 1.13 16.63 8.30
N THR B 128 1.00 15.38 7.82
CA THR B 128 1.69 14.24 8.40
C THR B 128 3.00 13.92 7.69
N GLY B 129 3.04 14.09 6.38
CA GLY B 129 4.20 13.68 5.61
C GLY B 129 4.22 12.17 5.45
N HIS B 130 5.32 11.69 4.87
CA HIS B 130 5.52 10.26 4.74
C HIS B 130 6.66 9.83 5.64
N PRO B 131 6.46 8.81 6.48
CA PRO B 131 7.45 8.50 7.53
C PRO B 131 8.84 8.24 6.98
N GLY B 132 9.79 9.07 7.40
CA GLY B 132 11.19 8.91 7.06
C GLY B 132 11.60 9.42 5.71
N ILE B 133 10.70 10.01 4.93
CA ILE B 133 11.03 10.50 3.60
C ILE B 133 10.58 11.95 3.45
N ILE B 134 9.28 12.17 3.48
CA ILE B 134 8.68 13.47 3.19
C ILE B 134 8.35 14.15 4.52
N PRO B 135 8.80 15.38 4.74
CA PRO B 135 8.47 16.10 5.97
C PRO B 135 7.03 16.57 5.95
N PRO B 136 6.47 16.98 7.09
CA PRO B 136 5.10 17.51 7.09
C PRO B 136 5.01 18.84 6.38
N HIS B 137 3.81 19.11 5.84
CA HIS B 137 3.51 20.35 5.12
C HIS B 137 4.49 20.60 3.98
N ALA B 138 4.94 19.54 3.33
CA ALA B 138 5.97 19.64 2.31
C ALA B 138 5.33 19.78 0.93
N THR B 139 5.68 20.87 0.23
CA THR B 139 5.33 21.02 -1.18
C THR B 139 6.34 20.25 -2.02
N LEU B 140 5.84 19.45 -2.96
CA LEU B 140 6.68 18.57 -3.75
C LEU B 140 6.73 19.02 -5.20
N VAL B 141 7.88 18.79 -5.83
CA VAL B 141 8.09 19.08 -7.25
C VAL B 141 8.47 17.78 -7.93
N PHE B 142 7.70 17.38 -8.93
CA PHE B 142 7.91 16.13 -9.66
C PHE B 142 8.18 16.45 -11.12
N ASP B 143 9.32 15.96 -11.62
CA ASP B 143 9.65 16.04 -13.04
C ASP B 143 9.18 14.73 -13.68
N VAL B 144 8.01 14.78 -14.30
CA VAL B 144 7.33 13.58 -14.81
C VAL B 144 7.32 13.62 -16.33
N GLU B 145 7.60 12.47 -16.94
CA GLU B 145 7.48 12.29 -18.38
C GLU B 145 6.59 11.09 -18.65
N LEU B 146 5.50 11.32 -19.39
CA LEU B 146 4.56 10.24 -19.75
C LEU B 146 5.12 9.49 -20.94
N LEU B 147 5.69 8.32 -20.69
CA LEU B 147 6.31 7.54 -21.76
C LEU B 147 5.28 6.85 -22.64
N LYS B 148 4.34 6.11 -22.03
CA LYS B 148 3.38 5.34 -22.80
C LYS B 148 2.15 5.09 -21.97
N LEU B 149 1.07 4.70 -22.65
CA LEU B 149 -0.18 4.29 -22.03
C LEU B 149 -0.48 2.85 -22.44
N GLU B 150 -0.85 2.03 -21.46
CA GLU B 150 -1.17 0.63 -21.74
C GLU B 150 -2.28 0.14 -20.81
#